data_6AEX
#
_entry.id   6AEX
#
_cell.length_a   83.820
_cell.length_b   83.820
_cell.length_c   81.398
_cell.angle_alpha   90.00
_cell.angle_beta   90.00
_cell.angle_gamma   90.00
#
_symmetry.space_group_name_H-M   'P 41 21 2'
#
loop_
_entity.id
_entity.type
_entity.pdbx_description
1 polymer 'Urokinase plasminogen activator surface receptor'
2 non-polymer 2-acetamido-2-deoxy-beta-D-glucopyranose
3 water water
#
_entity_poly.entity_id   1
_entity_poly.type   'polypeptide(L)'
_entity_poly.pdbx_seq_one_letter_code
;LQCMQCESNQSCLVEECALGQDLCRTTVLREWQDDRELEVVTRGCAHSEKTNRTMSYRMGSMIISLTETVCATNLCNRPR
PGARGRAFPQGRYLECASCTSLDQSCERGREQSLQCRYPTEHCIEVVTLQSTERSLKDEDYTRGCGSLPGCPGTAGFHSN
QTFHFLKCCNYTHCNGGPVLDLQSFPPNGFQCYSCEGNNTLGCSSEEASLINCRGPMNQCLVATGLDVLGNRSYTVRGCA
TASWCQGSHVADSFPTHLNVSVSCCHGSGCNSPTGGA
;
_entity_poly.pdbx_strand_id   U
#
# COMPACT_ATOMS: atom_id res chain seq x y z
N ARG A 92 -14.66 -5.14 -24.07
CA ARG A 92 -14.93 -3.77 -24.47
C ARG A 92 -14.21 -2.78 -23.56
N TYR A 93 -14.98 -1.92 -22.90
CA TYR A 93 -14.42 -0.93 -22.00
C TYR A 93 -14.81 -1.25 -20.56
N LEU A 94 -13.98 -0.80 -19.63
CA LEU A 94 -14.27 -0.90 -18.20
C LEU A 94 -14.41 0.52 -17.67
N GLU A 95 -15.48 0.77 -16.91
CA GLU A 95 -15.71 2.09 -16.33
C GLU A 95 -15.22 2.10 -14.89
N CYS A 96 -14.29 3.00 -14.59
CA CYS A 96 -13.63 3.07 -13.29
C CYS A 96 -13.93 4.41 -12.63
N ALA A 97 -13.86 4.43 -11.30
CA ALA A 97 -13.84 5.69 -10.60
C ALA A 97 -12.55 6.45 -10.97
N SER A 98 -12.63 7.78 -10.91
CA SER A 98 -11.51 8.65 -11.28
C SER A 98 -11.44 9.84 -10.32
N CYS A 99 -10.26 10.09 -9.78
CA CYS A 99 -10.05 11.26 -8.92
C CYS A 99 -8.55 11.43 -8.78
N THR A 100 -8.16 12.57 -8.22
CA THR A 100 -6.75 12.85 -8.01
C THR A 100 -6.60 13.81 -6.85
N SER A 101 -5.57 13.58 -6.03
CA SER A 101 -5.37 14.45 -4.88
C SER A 101 -4.81 15.82 -5.24
N LEU A 102 -4.35 16.02 -6.49
CA LEU A 102 -4.06 17.38 -6.96
C LEU A 102 -5.28 18.26 -6.77
N ASP A 103 -6.43 17.69 -7.03
CA ASP A 103 -7.73 18.29 -6.89
C ASP A 103 -8.30 17.92 -5.51
N GLN A 104 -9.53 18.35 -5.25
CA GLN A 104 -10.27 17.80 -4.13
C GLN A 104 -11.15 16.64 -4.53
N SER A 105 -10.99 16.11 -5.76
CA SER A 105 -11.92 15.15 -6.31
C SER A 105 -11.97 13.85 -5.52
N CYS A 106 -10.83 13.41 -4.97
CA CYS A 106 -10.87 12.25 -4.11
C CYS A 106 -11.58 12.58 -2.81
N GLU A 107 -11.18 13.70 -2.20
CA GLU A 107 -11.56 14.01 -0.83
C GLU A 107 -13.00 14.50 -0.72
N ARG A 108 -13.64 14.87 -1.83
CA ARG A 108 -15.00 15.39 -1.79
C ARG A 108 -15.54 15.50 -3.22
N GLY A 109 -16.84 15.32 -3.35
CA GLY A 109 -17.55 15.54 -4.59
C GLY A 109 -18.35 14.31 -5.02
N ARG A 110 -19.15 14.52 -6.06
CA ARG A 110 -19.68 13.39 -6.81
C ARG A 110 -18.52 12.54 -7.34
N GLU A 111 -18.76 11.24 -7.46
CA GLU A 111 -17.74 10.33 -7.96
C GLU A 111 -17.69 10.38 -9.48
N GLN A 112 -16.50 10.58 -10.02
CA GLN A 112 -16.32 10.71 -11.46
C GLN A 112 -15.93 9.38 -12.10
N SER A 113 -16.26 9.25 -13.39
CA SER A 113 -16.03 8.03 -14.16
C SER A 113 -14.96 8.24 -15.23
N LEU A 114 -14.34 7.14 -15.63
CA LEU A 114 -13.33 7.16 -16.68
C LEU A 114 -13.34 5.81 -17.37
N GLN A 115 -13.21 5.83 -18.69
CA GLN A 115 -13.16 4.58 -19.44
C GLN A 115 -11.71 4.12 -19.57
N CYS A 116 -11.48 2.83 -19.30
CA CYS A 116 -10.19 2.18 -19.39
C CYS A 116 -10.24 1.11 -20.45
N ARG A 117 -9.08 0.79 -21.04
CA ARG A 117 -9.01 -0.22 -22.09
C ARG A 117 -8.70 -1.57 -21.46
N TYR A 118 -9.78 -2.30 -21.05
CA TYR A 118 -9.73 -3.68 -20.58
C TYR A 118 -9.75 -4.63 -21.78
N PRO A 119 -8.97 -5.71 -21.76
CA PRO A 119 -8.17 -6.27 -20.66
C PRO A 119 -6.77 -5.68 -20.46
N THR A 120 -6.37 -4.69 -21.28
CA THR A 120 -5.03 -4.13 -21.08
C THR A 120 -4.95 -3.28 -19.82
N GLU A 121 -6.08 -2.68 -19.38
CA GLU A 121 -6.09 -1.83 -18.20
C GLU A 121 -7.20 -2.25 -17.24
N HIS A 122 -7.05 -1.86 -15.98
CA HIS A 122 -8.05 -2.13 -14.97
C HIS A 122 -8.27 -0.87 -14.13
N CYS A 123 -9.28 -0.94 -13.27
CA CYS A 123 -9.48 0.10 -12.26
C CYS A 123 -8.40 0.03 -11.20
N ILE A 124 -7.92 1.19 -10.78
CA ILE A 124 -6.79 1.27 -9.88
C ILE A 124 -7.09 2.30 -8.79
N GLU A 125 -6.51 2.07 -7.62
CA GLU A 125 -6.63 2.98 -6.48
C GLU A 125 -5.31 2.92 -5.74
N VAL A 126 -4.62 4.05 -5.61
CA VAL A 126 -3.30 4.11 -5.02
C VAL A 126 -3.32 5.16 -3.92
N VAL A 127 -2.84 4.80 -2.73
CA VAL A 127 -2.89 5.66 -1.56
C VAL A 127 -1.52 5.69 -0.92
N THR A 128 -1.07 6.90 -0.56
CA THR A 128 0.14 7.07 0.23
C THR A 128 -0.12 8.21 1.20
N LEU A 129 0.07 7.93 2.49
CA LEU A 129 -0.18 8.91 3.55
C LEU A 129 0.98 8.88 4.52
N GLN A 130 1.57 10.04 4.77
CA GLN A 130 2.72 10.14 5.66
C GLN A 130 2.35 10.77 6.99
N ASP A 138 3.25 14.03 0.73
CA ASP A 138 2.62 13.41 1.89
C ASP A 138 1.38 12.61 1.52
N GLU A 139 0.21 13.24 1.58
CA GLU A 139 -1.08 12.57 1.38
C GLU A 139 -1.43 12.53 -0.11
N ASP A 140 -0.94 11.50 -0.81
CA ASP A 140 -1.19 11.31 -2.23
C ASP A 140 -2.28 10.27 -2.43
N TYR A 141 -3.25 10.58 -3.29
CA TYR A 141 -4.39 9.70 -3.51
C TYR A 141 -4.78 9.74 -4.99
N THR A 142 -4.93 8.59 -5.62
CA THR A 142 -5.40 8.60 -7.02
C THR A 142 -6.28 7.39 -7.31
N ARG A 143 -7.25 7.60 -8.21
CA ARG A 143 -8.14 6.58 -8.72
C ARG A 143 -8.21 6.72 -10.23
N GLY A 144 -8.16 5.61 -10.95
CA GLY A 144 -8.27 5.67 -12.39
C GLY A 144 -7.96 4.34 -13.04
N CYS A 145 -7.33 4.42 -14.21
CA CYS A 145 -6.92 3.27 -15.01
C CYS A 145 -5.47 2.92 -14.76
N GLY A 146 -5.16 1.63 -14.90
CA GLY A 146 -3.77 1.20 -14.83
C GLY A 146 -3.71 -0.30 -15.02
N SER A 147 -2.49 -0.83 -14.86
CA SER A 147 -2.29 -2.27 -14.92
C SER A 147 -1.24 -2.66 -13.89
N LEU A 148 -1.67 -3.33 -12.84
CA LEU A 148 -0.73 -3.93 -11.90
C LEU A 148 -0.66 -5.43 -12.12
N PRO A 149 0.53 -6.02 -12.14
CA PRO A 149 0.61 -7.49 -12.15
C PRO A 149 0.06 -8.05 -10.85
N GLY A 150 -0.84 -9.03 -10.96
CA GLY A 150 -1.53 -9.53 -9.79
C GLY A 150 -2.85 -8.84 -9.56
N CYS A 151 -3.66 -8.79 -10.63
CA CYS A 151 -4.94 -8.15 -10.66
C CYS A 151 -6.03 -9.18 -10.97
N PRO A 152 -7.17 -9.17 -10.26
CA PRO A 152 -7.53 -8.33 -9.12
C PRO A 152 -6.74 -8.62 -7.85
N GLY A 153 -6.55 -7.60 -7.02
CA GLY A 153 -5.82 -7.80 -5.79
C GLY A 153 -5.48 -6.47 -5.14
N THR A 154 -4.80 -6.59 -4.00
CA THR A 154 -4.40 -5.46 -3.19
C THR A 154 -2.99 -5.69 -2.70
N ALA A 155 -2.30 -4.61 -2.38
CA ALA A 155 -0.99 -4.68 -1.76
C ALA A 155 -0.85 -3.48 -0.82
N GLY A 156 -0.20 -3.69 0.31
CA GLY A 156 -0.20 -2.64 1.31
C GLY A 156 0.96 -2.74 2.27
N PHE A 157 1.29 -1.60 2.86
CA PHE A 157 2.35 -1.56 3.86
C PHE A 157 2.03 -0.43 4.83
N HIS A 158 2.17 -0.68 6.13
CA HIS A 158 2.11 0.48 7.02
C HIS A 158 3.14 0.35 8.13
N SER A 159 3.72 1.48 8.49
CA SER A 159 4.50 1.63 9.71
C SER A 159 3.85 2.73 10.55
N ASN A 160 4.52 3.13 11.64
CA ASN A 160 3.90 4.10 12.53
C ASN A 160 3.56 5.39 11.81
N GLN A 161 4.33 5.77 10.78
CA GLN A 161 4.16 7.07 10.19
C GLN A 161 3.91 7.07 8.69
N THR A 162 3.88 5.92 8.02
CA THR A 162 3.59 5.86 6.60
C THR A 162 2.60 4.75 6.31
N PHE A 163 1.75 4.97 5.31
CA PHE A 163 0.75 4.00 4.89
C PHE A 163 0.69 3.99 3.37
N HIS A 164 0.96 2.85 2.75
CA HIS A 164 0.81 2.67 1.31
C HIS A 164 -0.22 1.58 1.05
N PHE A 165 -1.08 1.81 0.07
CA PHE A 165 -2.06 0.80 -0.29
C PHE A 165 -2.34 0.87 -1.78
N LEU A 166 -2.46 -0.29 -2.42
CA LEU A 166 -2.80 -0.35 -3.82
C LEU A 166 -3.90 -1.37 -4.00
N LYS A 167 -4.78 -1.11 -4.96
CA LYS A 167 -5.84 -2.04 -5.30
C LYS A 167 -6.09 -1.98 -6.79
N CYS A 168 -6.39 -3.14 -7.38
CA CYS A 168 -6.63 -3.29 -8.80
C CYS A 168 -7.80 -4.25 -8.94
N CYS A 169 -8.70 -3.98 -9.88
CA CYS A 169 -9.90 -4.82 -10.01
C CYS A 169 -10.55 -4.52 -11.36
N ASN A 170 -11.58 -5.30 -11.68
CA ASN A 170 -12.07 -5.52 -13.04
C ASN A 170 -13.59 -5.41 -13.12
N TYR A 171 -14.22 -4.65 -12.25
CA TYR A 171 -15.66 -4.47 -12.41
C TYR A 171 -15.98 -3.00 -12.19
N THR A 172 -17.15 -2.59 -12.68
CA THR A 172 -17.55 -1.20 -12.76
C THR A 172 -17.36 -0.46 -11.43
N HIS A 173 -16.56 0.61 -11.47
CA HIS A 173 -16.34 1.46 -10.29
C HIS A 173 -15.84 0.66 -9.07
N CYS A 174 -15.33 -0.54 -9.31
CA CYS A 174 -14.75 -1.34 -8.23
C CYS A 174 -13.71 -0.58 -7.41
N ASN A 175 -13.15 0.49 -7.94
CA ASN A 175 -12.16 1.26 -7.20
C ASN A 175 -12.76 2.51 -6.59
N GLY A 176 -14.08 2.60 -6.56
CA GLY A 176 -14.77 3.76 -6.02
C GLY A 176 -15.11 3.56 -4.57
N GLY A 177 -16.10 4.32 -4.10
CA GLY A 177 -16.54 4.26 -2.73
C GLY A 177 -15.82 5.26 -1.86
N PRO A 178 -15.96 5.12 -0.55
CA PRO A 178 -15.39 6.11 0.36
C PRO A 178 -13.87 6.07 0.32
N VAL A 179 -13.26 7.22 0.60
CA VAL A 179 -11.80 7.33 0.62
C VAL A 179 -11.21 6.50 1.75
N LEU A 180 -10.08 5.87 1.48
CA LEU A 180 -9.41 5.03 2.47
C LEU A 180 -8.32 5.80 3.22
N ASP A 181 -8.17 5.46 4.48
CA ASP A 181 -6.94 5.71 5.23
C ASP A 181 -6.65 4.46 6.06
N LEU A 182 -5.60 4.53 6.87
CA LEU A 182 -5.21 3.36 7.64
C LEU A 182 -6.35 2.88 8.54
N GLN A 183 -7.15 3.82 9.05
CA GLN A 183 -8.23 3.48 9.99
C GLN A 183 -9.42 2.84 9.30
N SER A 184 -9.49 2.87 7.97
CA SER A 184 -10.50 2.09 7.27
C SER A 184 -10.33 0.59 7.47
N PHE A 185 -9.16 0.13 7.94
CA PHE A 185 -8.87 -1.29 7.99
C PHE A 185 -8.87 -1.79 9.43
N PRO A 186 -9.78 -2.68 9.81
CA PRO A 186 -9.80 -3.14 11.20
C PRO A 186 -8.52 -3.88 11.52
N PRO A 187 -8.04 -3.76 12.75
CA PRO A 187 -6.86 -4.52 13.16
C PRO A 187 -7.07 -6.01 12.89
N ASN A 188 -6.00 -6.68 12.48
CA ASN A 188 -6.09 -8.06 12.05
C ASN A 188 -5.56 -9.05 13.09
N GLY A 189 -5.08 -8.57 14.23
CA GLY A 189 -4.63 -9.43 15.30
C GLY A 189 -3.11 -9.56 15.43
N PHE A 190 -2.35 -9.20 14.41
CA PHE A 190 -0.90 -9.31 14.52
C PHE A 190 -0.28 -7.98 14.93
N GLN A 191 0.97 -8.05 15.38
CA GLN A 191 1.77 -6.87 15.66
C GLN A 191 3.14 -7.03 15.02
N CYS A 192 3.74 -5.90 14.62
CA CYS A 192 5.07 -5.91 14.00
C CYS A 192 5.87 -4.73 14.55
N TYR A 193 7.19 -4.84 14.45
CA TYR A 193 8.03 -3.71 14.81
C TYR A 193 8.04 -2.70 13.67
N SER A 194 8.19 -1.42 14.02
CA SER A 194 8.11 -0.34 13.05
C SER A 194 9.31 0.57 13.20
N CYS A 195 9.83 1.04 12.07
CA CYS A 195 10.82 2.10 12.02
C CYS A 195 10.84 2.64 10.60
N GLU A 196 11.38 3.85 10.44
CA GLU A 196 11.40 4.54 9.16
C GLU A 196 12.81 4.63 8.60
N GLY A 197 12.88 4.97 7.32
CA GLY A 197 14.15 5.03 6.60
C GLY A 197 14.52 6.45 6.21
N CYS A 203 17.30 3.54 12.98
CA CYS A 203 16.41 2.42 13.25
C CYS A 203 17.20 1.23 13.79
N SER A 204 16.80 0.73 14.95
CA SER A 204 17.56 -0.34 15.62
C SER A 204 16.67 -0.94 16.72
N SER A 205 17.27 -1.86 17.49
CA SER A 205 16.54 -2.48 18.60
C SER A 205 16.33 -1.50 19.74
N GLU A 206 17.21 -0.50 19.87
CA GLU A 206 17.16 0.55 20.88
C GLU A 206 15.97 1.47 20.74
N GLU A 207 15.00 1.18 19.88
CA GLU A 207 13.88 2.10 19.71
C GLU A 207 12.64 1.43 19.13
N ALA A 208 12.83 0.39 18.31
CA ALA A 208 11.76 -0.14 17.46
C ALA A 208 10.51 -0.45 18.27
N SER A 209 9.42 0.23 17.93
CA SER A 209 8.15 0.07 18.62
C SER A 209 7.24 -0.86 17.84
N LEU A 210 6.46 -1.65 18.58
CA LEU A 210 5.44 -2.48 17.95
C LEU A 210 4.26 -1.62 17.55
N ILE A 211 3.68 -1.94 16.40
CA ILE A 211 2.43 -1.36 15.97
C ILE A 211 1.45 -2.51 15.80
N ASN A 212 0.17 -2.19 15.79
CA ASN A 212 -0.85 -3.20 15.56
C ASN A 212 -1.21 -3.20 14.08
N CYS A 213 -1.15 -4.37 13.45
CA CYS A 213 -1.32 -4.47 12.01
C CYS A 213 -2.79 -4.39 11.63
N ARG A 214 -3.07 -3.90 10.43
CA ARG A 214 -4.43 -3.64 10.01
C ARG A 214 -4.69 -4.24 8.64
N GLY A 215 -5.94 -4.66 8.44
CA GLY A 215 -6.38 -5.10 7.14
C GLY A 215 -5.59 -6.30 6.69
N PRO A 216 -5.28 -6.37 5.39
CA PRO A 216 -4.55 -7.53 4.88
C PRO A 216 -3.06 -7.50 5.19
N MET A 217 -2.55 -6.46 5.86
CA MET A 217 -1.14 -6.31 6.18
C MET A 217 -0.79 -7.18 7.39
N ASN A 218 -0.67 -8.49 7.17
CA ASN A 218 -0.45 -9.44 8.26
C ASN A 218 0.95 -10.06 8.31
N GLN A 219 1.86 -9.67 7.42
CA GLN A 219 3.25 -10.08 7.52
C GLN A 219 4.07 -8.99 8.20
N CYS A 220 5.08 -9.41 8.95
CA CYS A 220 6.06 -8.48 9.48
C CYS A 220 7.20 -8.35 8.46
N LEU A 221 7.54 -7.11 8.11
CA LEU A 221 8.49 -6.80 7.07
C LEU A 221 9.74 -6.15 7.64
N VAL A 222 10.90 -6.52 7.08
CA VAL A 222 12.11 -5.71 7.15
C VAL A 222 12.68 -5.60 5.74
N ALA A 223 13.05 -4.40 5.34
CA ALA A 223 13.61 -4.17 4.01
C ALA A 223 14.74 -3.15 4.12
N THR A 224 15.80 -3.33 3.33
CA THR A 224 16.93 -2.42 3.41
C THR A 224 17.42 -2.04 2.01
N GLY A 225 17.76 -0.76 1.85
CA GLY A 225 18.13 -0.23 0.55
C GLY A 225 19.56 0.31 0.50
N LEU A 226 20.37 -0.22 -0.40
CA LEU A 226 21.78 0.13 -0.52
C LEU A 226 21.98 1.41 -1.31
N SER A 233 21.95 3.70 2.78
CA SER A 233 21.46 2.59 3.58
C SER A 233 20.24 2.96 4.42
N TYR A 234 19.04 2.85 3.86
CA TYR A 234 17.82 3.03 4.63
C TYR A 234 17.24 1.67 4.99
N THR A 235 16.53 1.63 6.12
CA THR A 235 15.92 0.42 6.63
C THR A 235 14.51 0.75 7.11
N VAL A 236 13.55 -0.09 6.75
CA VAL A 236 12.18 0.09 7.21
C VAL A 236 11.63 -1.24 7.70
N ARG A 237 10.77 -1.15 8.72
CA ARG A 237 10.06 -2.28 9.26
C ARG A 237 8.60 -1.86 9.43
N GLY A 238 7.70 -2.82 9.23
CA GLY A 238 6.29 -2.56 9.48
C GLY A 238 5.46 -3.76 9.07
N CYS A 239 4.17 -3.51 8.93
CA CYS A 239 3.20 -4.55 8.57
C CYS A 239 2.95 -4.47 7.07
N ALA A 240 2.94 -5.63 6.41
CA ALA A 240 2.83 -5.66 4.96
C ALA A 240 1.97 -6.85 4.54
N THR A 241 1.31 -6.71 3.40
CA THR A 241 0.77 -7.89 2.75
C THR A 241 1.90 -8.68 2.12
N ALA A 242 1.61 -9.95 1.80
CA ALA A 242 2.58 -10.77 1.09
C ALA A 242 2.85 -10.21 -0.30
N SER A 243 1.80 -9.74 -0.97
CA SER A 243 1.97 -9.16 -2.30
C SER A 243 2.86 -7.91 -2.27
N TRP A 244 2.86 -7.18 -1.17
CA TRP A 244 3.79 -6.07 -1.05
C TRP A 244 5.21 -6.57 -0.80
N CYS A 245 5.35 -7.62 0.01
CA CYS A 245 6.68 -8.19 0.28
C CYS A 245 7.35 -8.67 -0.99
N GLN A 246 6.57 -9.24 -1.91
CA GLN A 246 7.12 -9.99 -3.03
C GLN A 246 7.02 -9.27 -4.36
N GLY A 247 6.38 -8.10 -4.41
CA GLY A 247 6.30 -7.34 -5.63
C GLY A 247 7.51 -6.45 -5.83
N SER A 248 7.39 -5.52 -6.75
CA SER A 248 8.37 -4.47 -6.88
C SER A 248 8.03 -3.24 -6.05
N HIS A 249 7.05 -3.34 -5.13
CA HIS A 249 6.53 -2.16 -4.45
C HIS A 249 7.51 -1.59 -3.44
N VAL A 250 8.34 -2.42 -2.81
CA VAL A 250 9.27 -1.90 -1.80
C VAL A 250 10.39 -1.11 -2.48
N ALA A 251 10.83 -1.57 -3.65
CA ALA A 251 11.83 -0.83 -4.41
C ALA A 251 11.35 0.58 -4.70
N ASP A 252 10.17 0.71 -5.30
CA ASP A 252 9.42 1.96 -5.27
C ASP A 252 9.12 2.33 -3.82
N SER A 253 8.79 3.60 -3.60
CA SER A 253 8.59 4.16 -2.25
C SER A 253 9.88 4.16 -1.43
N PHE A 254 11.00 3.78 -2.02
CA PHE A 254 12.33 4.00 -1.49
C PHE A 254 12.98 5.15 -2.23
N PRO A 255 13.66 6.07 -1.52
CA PRO A 255 14.37 7.14 -2.20
C PRO A 255 15.28 6.62 -3.30
N THR A 256 15.09 7.15 -4.50
CA THR A 256 15.86 6.90 -5.72
C THR A 256 16.06 5.39 -5.96
N HIS A 257 17.14 5.05 -6.66
CA HIS A 257 17.34 3.75 -7.30
C HIS A 257 18.40 2.95 -6.53
N LEU A 258 18.01 2.47 -5.36
CA LEU A 258 18.95 1.72 -4.53
C LEU A 258 18.75 0.23 -4.74
N ASN A 259 19.67 -0.55 -4.18
CA ASN A 259 19.55 -2.00 -4.17
C ASN A 259 18.69 -2.42 -2.97
N VAL A 260 17.63 -3.18 -3.24
CA VAL A 260 16.62 -3.48 -2.24
C VAL A 260 16.61 -4.98 -1.97
N SER A 261 16.65 -5.33 -0.68
CA SER A 261 16.40 -6.68 -0.22
C SER A 261 15.31 -6.64 0.83
N VAL A 262 14.44 -7.62 0.77
CA VAL A 262 13.25 -7.69 1.61
C VAL A 262 13.32 -9.00 2.38
N SER A 263 12.83 -8.99 3.61
CA SER A 263 12.56 -10.21 4.34
C SER A 263 11.24 -10.06 5.07
N CYS A 264 10.34 -11.01 4.86
CA CYS A 264 9.05 -11.01 5.50
C CYS A 264 8.86 -12.32 6.27
N CYS A 265 8.12 -12.23 7.38
CA CYS A 265 7.81 -13.38 8.19
C CYS A 265 6.39 -13.22 8.73
N HIS A 266 5.78 -14.34 9.08
CA HIS A 266 4.43 -14.41 9.61
C HIS A 266 4.51 -14.82 11.06
N GLY A 267 3.93 -14.02 11.94
CA GLY A 267 4.09 -14.21 13.36
C GLY A 267 4.30 -12.86 14.04
N SER A 268 3.53 -12.58 15.07
CA SER A 268 3.63 -11.30 15.76
C SER A 268 5.05 -11.02 16.20
N GLY A 269 5.54 -9.82 15.86
CA GLY A 269 6.83 -9.37 16.33
C GLY A 269 8.01 -10.13 15.81
N CYS A 270 7.86 -10.87 14.71
CA CYS A 270 8.95 -11.69 14.23
C CYS A 270 10.02 -10.91 13.47
N ASN A 271 9.77 -9.63 13.15
CA ASN A 271 10.75 -8.79 12.47
C ASN A 271 11.54 -7.92 13.45
N SER A 272 11.74 -8.40 14.66
CA SER A 272 12.41 -7.59 15.67
C SER A 272 13.87 -7.37 15.28
N PRO A 273 14.41 -6.18 15.56
CA PRO A 273 15.85 -5.96 15.32
C PRO A 273 16.68 -6.90 16.19
N THR A 274 17.54 -7.67 15.53
CA THR A 274 18.34 -8.67 16.22
C THR A 274 19.59 -8.03 16.84
#